data_8D9Z
#
_entry.id   8D9Z
#
_cell.length_a   61.285
_cell.length_b   61.285
_cell.length_c   260.046
_cell.angle_alpha   90.00
_cell.angle_beta   90.00
_cell.angle_gamma   120.00
#
_symmetry.space_group_name_H-M   'P 32 2 1'
#
loop_
_entity.id
_entity.type
_entity.pdbx_description
1 polymer 'Centi-LNX-D09 Fab light chain'
2 polymer 'Centi-LNX-D09 Fab heavy chain'
3 polymer 'Long neurotoxin 1'
4 non-polymer GLYCEROL
5 non-polymer 'ACETATE ION'
6 water water
#
loop_
_entity_poly.entity_id
_entity_poly.type
_entity_poly.pdbx_seq_one_letter_code
_entity_poly.pdbx_strand_id
1 'polypeptide(L)'
;EIVLTQSPSSLSASVGDRVTITCQASQDISNYLNWYQQKPGKAPKLLIYAASSLESGVPSRFSGSGSGTDFTLTISSQQP
EDFATYYCQQANSFPYTFGQGTKVEIKRTVAAPSVFIFPPSDEQLKSGTASVVCLLNNFYPREAKVQWKVDNALQSGNSQ
ESVTEQDSKDSTYSLSSTLTLSKADYEKHKVYACEVTHQGLSSPVTKSFNRGEC
;
A
2 'polypeptide(L)'
;EVQLVESGGGFVQPGGSLRLSCAASGFTFSNFDMHWVRQSPGKGLEWVSGLDHSGGAHYAGSVKGRFTISREDAKNSLDL
QMNNLRVDDTAVYFCVRGTLYHYTSGSYYSDAFDIWGQGTLVTVSSASVKGPSVFPLAPSSKSTSGGTAALGCLVKDYFP
EPVTVSWNSGALTSGVHTFPAVLQSSGLYSLSSVVTVPSSSLGTQTYICNVNHKPSNTKVDKKVEPKSCDKTHTGLE
;
B
3 'polypeptide(L)' IRCFITPDVTSQACPDGHVCYTKMWCDNFCGMRGKRVDLGCAATCPKVKPGVNIKCCSRDNCNPFPTRKRSLEVLFQ D
#
loop_
_chem_comp.id
_chem_comp.type
_chem_comp.name
_chem_comp.formula
ACT non-polymer 'ACETATE ION' 'C2 H3 O2 -1'
GOL non-polymer GLYCEROL 'C3 H8 O3'
#
# COMPACT_ATOMS: atom_id res chain seq x y z
N GLU A 1 21.57 -13.18 5.04
CA GLU A 1 21.14 -11.89 4.48
C GLU A 1 21.30 -10.82 5.55
N ILE A 2 21.38 -9.55 5.14
CA ILE A 2 21.47 -8.41 6.07
C ILE A 2 20.06 -8.08 6.57
N VAL A 3 19.92 -8.01 7.88
CA VAL A 3 18.65 -7.70 8.60
C VAL A 3 18.66 -6.23 8.97
N LEU A 4 17.61 -5.50 8.57
CA LEU A 4 17.41 -4.08 8.94
C LEU A 4 16.23 -4.04 9.89
N THR A 5 16.42 -3.44 11.05
CA THR A 5 15.36 -3.27 12.05
C THR A 5 15.13 -1.77 12.25
N GLN A 6 13.88 -1.33 12.04
CA GLN A 6 13.51 0.09 12.23
C GLN A 6 12.95 0.27 13.65
N SER A 7 13.16 1.44 14.24
N SER A 7 13.16 1.45 14.23
CA SER A 7 12.49 1.79 15.51
CA SER A 7 12.59 1.82 15.54
C SER A 7 12.00 3.23 15.42
C SER A 7 12.02 3.24 15.44
N PRO A 8 10.81 3.51 15.95
CA PRO A 8 9.90 2.47 16.43
C PRO A 8 9.20 1.79 15.23
N SER A 9 8.29 0.86 15.49
CA SER A 9 7.48 0.19 14.43
C SER A 9 6.30 1.09 14.05
N SER A 10 5.83 1.90 14.99
CA SER A 10 4.79 2.90 14.72
C SER A 10 4.92 4.05 15.71
N LEU A 11 4.46 5.23 15.30
CA LEU A 11 4.46 6.39 16.21
C LEU A 11 3.32 7.32 15.79
N SER A 12 2.90 8.16 16.72
CA SER A 12 1.84 9.17 16.56
C SER A 12 2.51 10.54 16.58
N ALA A 13 2.17 11.39 15.64
CA ALA A 13 2.79 12.73 15.57
C ALA A 13 1.67 13.71 15.26
N SER A 14 1.85 14.94 15.74
CA SER A 14 1.02 16.09 15.32
C SER A 14 1.67 16.75 14.12
N VAL A 15 0.89 17.46 13.33
CA VAL A 15 1.42 18.34 12.26
C VAL A 15 2.42 19.29 12.92
N GLY A 16 3.58 19.42 12.28
CA GLY A 16 4.67 20.30 12.71
C GLY A 16 5.63 19.64 13.67
N ASP A 17 5.32 18.42 14.15
CA ASP A 17 6.23 17.71 15.07
C ASP A 17 7.50 17.33 14.32
N ARG A 18 8.60 17.19 15.05
CA ARG A 18 9.82 16.57 14.53
C ARG A 18 9.67 15.06 14.71
N VAL A 19 9.81 14.30 13.63
CA VAL A 19 9.69 12.84 13.66
C VAL A 19 11.06 12.25 13.34
N THR A 20 11.47 11.25 14.11
CA THR A 20 12.73 10.55 13.92
C THR A 20 12.47 9.06 13.90
N ILE A 21 13.00 8.41 12.85
CA ILE A 21 12.90 6.94 12.63
C ILE A 21 14.30 6.41 12.43
N THR A 22 14.65 5.34 13.13
CA THR A 22 15.99 4.78 13.04
C THR A 22 15.92 3.44 12.32
N CYS A 23 17.02 3.09 11.68
CA CYS A 23 17.21 1.83 10.96
C CYS A 23 18.58 1.31 11.38
N GLN A 24 18.60 0.10 11.94
CA GLN A 24 19.85 -0.56 12.38
C GLN A 24 20.08 -1.79 11.51
N ALA A 25 21.30 -1.93 10.97
CA ALA A 25 21.71 -3.04 10.10
C ALA A 25 22.51 -4.07 10.91
N SER A 26 22.38 -5.32 10.53
CA SER A 26 23.01 -6.48 11.22
C SER A 26 24.51 -6.51 10.94
N GLN A 27 24.96 -5.77 9.92
CA GLN A 27 26.41 -5.61 9.60
C GLN A 27 26.60 -4.27 8.93
N ASP A 28 27.85 -3.84 8.81
CA ASP A 28 28.24 -2.56 8.18
C ASP A 28 27.76 -2.53 6.73
N ILE A 29 26.99 -1.50 6.37
CA ILE A 29 26.51 -1.36 4.97
C ILE A 29 26.99 -0.02 4.42
N SER A 30 28.07 0.55 4.99
N SER A 30 28.04 0.55 5.02
CA SER A 30 28.61 1.87 4.62
CA SER A 30 28.61 1.84 4.58
C SER A 30 27.45 2.89 4.51
C SER A 30 27.46 2.88 4.50
N ASN A 31 27.25 3.51 3.35
CA ASN A 31 26.10 4.45 3.15
C ASN A 31 25.17 3.94 2.04
N TYR A 32 25.14 2.62 1.80
CA TYR A 32 24.28 1.99 0.77
C TYR A 32 22.89 1.75 1.36
N LEU A 33 22.21 2.85 1.66
CA LEU A 33 20.99 2.79 2.49
C LEU A 33 19.97 3.80 1.94
N ASN A 34 18.79 3.29 1.58
CA ASN A 34 17.72 4.13 0.97
C ASN A 34 16.54 4.24 1.93
N TRP A 35 15.75 5.29 1.79
CA TRP A 35 14.47 5.45 2.47
C TRP A 35 13.34 5.60 1.45
N TYR A 36 12.26 4.89 1.69
CA TYR A 36 11.04 4.94 0.87
C TYR A 36 9.85 5.33 1.74
N GLN A 37 8.88 5.98 1.11
CA GLN A 37 7.58 6.36 1.72
C GLN A 37 6.51 5.52 1.02
N GLN A 38 5.54 4.98 1.75
CA GLN A 38 4.44 4.23 1.09
C GLN A 38 3.14 4.55 1.80
N LYS A 39 2.13 4.90 1.02
CA LYS A 39 0.75 5.12 1.52
C LYS A 39 -0.09 3.90 1.13
N PRO A 40 -1.18 3.63 1.86
CA PRO A 40 -2.04 2.49 1.56
C PRO A 40 -2.53 2.45 0.11
N GLY A 41 -2.42 1.30 -0.52
CA GLY A 41 -2.84 1.02 -1.90
C GLY A 41 -1.90 1.58 -2.94
N LYS A 42 -0.74 2.14 -2.55
CA LYS A 42 0.16 2.81 -3.51
C LYS A 42 1.52 2.09 -3.46
N ALA A 43 2.30 2.21 -4.51
CA ALA A 43 3.71 1.72 -4.55
C ALA A 43 4.57 2.61 -3.67
N PRO A 44 5.65 2.05 -3.08
CA PRO A 44 6.66 2.86 -2.43
C PRO A 44 7.26 3.90 -3.39
N LYS A 45 7.67 5.01 -2.80
CA LYS A 45 8.33 6.16 -3.48
C LYS A 45 9.70 6.34 -2.85
N LEU A 46 10.75 6.40 -3.67
CA LEU A 46 12.11 6.64 -3.16
C LEU A 46 12.25 8.09 -2.69
N LEU A 47 12.67 8.33 -1.45
CA LEU A 47 12.91 9.71 -0.96
C LEU A 47 14.39 10.01 -0.85
N ILE A 48 15.18 9.06 -0.33
CA ILE A 48 16.61 9.30 0.01
C ILE A 48 17.44 8.11 -0.43
N TYR A 49 18.56 8.38 -1.04
CA TYR A 49 19.59 7.37 -1.38
C TYR A 49 20.92 7.80 -0.76
N ALA A 50 21.87 6.85 -0.74
CA ALA A 50 23.21 7.10 -0.18
C ALA A 50 23.09 7.63 1.24
N ALA A 51 22.15 7.10 2.03
CA ALA A 51 21.87 7.48 3.43
C ALA A 51 21.35 8.93 3.61
N SER A 52 21.80 9.94 2.85
CA SER A 52 21.48 11.37 3.14
C SER A 52 21.13 12.19 1.88
N SER A 53 21.17 11.62 0.68
CA SER A 53 20.97 12.39 -0.57
C SER A 53 19.50 12.36 -0.95
N LEU A 54 18.85 13.54 -0.99
CA LEU A 54 17.40 13.63 -1.32
C LEU A 54 17.22 13.45 -2.81
N GLU A 55 16.15 12.77 -3.19
CA GLU A 55 15.73 12.71 -4.61
C GLU A 55 15.18 14.07 -4.96
N SER A 56 15.15 14.38 -6.25
CA SER A 56 14.61 15.63 -6.80
C SER A 56 13.15 15.81 -6.34
N GLY A 57 12.78 16.99 -5.89
CA GLY A 57 11.38 17.30 -5.52
C GLY A 57 11.06 16.94 -4.07
N VAL A 58 11.93 16.21 -3.36
CA VAL A 58 11.63 15.82 -1.97
C VAL A 58 11.78 17.07 -1.11
N PRO A 59 10.78 17.45 -0.31
CA PRO A 59 10.88 18.70 0.46
C PRO A 59 11.95 18.69 1.55
N SER A 60 12.44 19.88 1.91
CA SER A 60 13.63 20.07 2.77
C SER A 60 13.38 19.53 4.18
N ARG A 61 12.14 19.37 4.65
CA ARG A 61 11.91 18.86 6.01
C ARG A 61 12.44 17.41 6.13
N PHE A 62 12.65 16.69 5.01
CA PHE A 62 13.18 15.31 5.02
C PHE A 62 14.70 15.38 5.03
N SER A 63 15.31 14.63 5.95
CA SER A 63 16.78 14.47 5.92
C SER A 63 17.12 13.06 6.38
N GLY A 64 18.26 12.59 5.90
CA GLY A 64 18.80 11.27 6.30
C GLY A 64 20.15 11.46 6.91
N SER A 65 20.52 10.58 7.84
CA SER A 65 21.88 10.61 8.40
C SER A 65 22.29 9.20 8.78
N GLY A 66 23.58 9.04 9.00
CA GLY A 66 24.16 7.79 9.49
C GLY A 66 25.04 7.11 8.47
N SER A 67 25.60 6.01 8.89
CA SER A 67 26.58 5.24 8.13
C SER A 67 26.84 3.98 8.96
N GLY A 68 27.36 2.96 8.30
CA GLY A 68 27.78 1.72 8.97
C GLY A 68 26.60 0.89 9.35
N THR A 69 26.17 0.92 10.61
CA THR A 69 25.07 0.06 11.06
C THR A 69 23.87 0.89 11.51
N ASP A 70 23.98 2.22 11.58
CA ASP A 70 22.93 3.04 12.26
C ASP A 70 22.59 4.26 11.39
N PHE A 71 21.31 4.40 11.08
CA PHE A 71 20.76 5.42 10.17
C PHE A 71 19.51 6.01 10.79
N THR A 72 19.25 7.27 10.44
CA THR A 72 18.07 8.02 10.95
C THR A 72 17.43 8.76 9.78
N LEU A 73 16.13 8.63 9.68
CA LEU A 73 15.28 9.50 8.83
C LEU A 73 14.63 10.51 9.74
N THR A 74 14.78 11.81 9.46
CA THR A 74 14.14 12.88 10.23
C THR A 74 13.15 13.61 9.32
N ILE A 75 11.95 13.84 9.82
CA ILE A 75 10.97 14.78 9.20
C ILE A 75 10.87 15.95 10.17
N SER A 76 11.43 17.09 9.82
CA SER A 76 11.64 18.15 10.82
C SER A 76 10.30 18.83 11.13
N SER A 77 9.28 18.70 10.27
CA SER A 77 8.02 19.46 10.40
C SER A 77 6.90 18.66 9.76
N GLN A 78 6.36 17.68 10.50
CA GLN A 78 5.46 16.64 9.94
C GLN A 78 4.29 17.33 9.22
N GLN A 79 4.04 17.00 7.96
CA GLN A 79 2.87 17.53 7.19
C GLN A 79 1.83 16.44 7.03
N PRO A 80 0.56 16.80 6.77
CA PRO A 80 -0.49 15.83 6.46
C PRO A 80 -0.11 14.82 5.37
N GLU A 81 0.63 15.26 4.36
CA GLU A 81 1.12 14.45 3.23
C GLU A 81 2.11 13.38 3.72
N ASP A 82 2.67 13.51 4.91
CA ASP A 82 3.82 12.68 5.37
C ASP A 82 3.37 11.51 6.26
N PHE A 83 2.09 11.44 6.61
CA PHE A 83 1.55 10.31 7.37
C PHE A 83 1.51 9.15 6.39
N ALA A 84 2.31 8.11 6.69
CA ALA A 84 2.61 7.05 5.74
C ALA A 84 3.44 6.01 6.47
N THR A 85 3.83 5.00 5.73
CA THR A 85 4.82 4.02 6.24
C THR A 85 6.16 4.28 5.57
N TYR A 86 7.24 4.26 6.37
CA TYR A 86 8.61 4.50 5.90
C TYR A 86 9.39 3.18 6.00
N TYR A 87 10.18 2.91 4.98
CA TYR A 87 11.06 1.72 4.90
C TYR A 87 12.49 2.14 4.59
N CYS A 88 13.46 1.59 5.35
CA CYS A 88 14.85 1.61 4.92
C CYS A 88 15.17 0.36 4.10
N GLN A 89 16.17 0.46 3.25
CA GLN A 89 16.58 -0.64 2.36
C GLN A 89 18.07 -0.58 2.09
N GLN A 90 18.78 -1.70 2.22
CA GLN A 90 20.24 -1.74 1.99
C GLN A 90 20.50 -2.27 0.59
N ALA A 91 21.49 -1.68 -0.10
CA ALA A 91 22.00 -2.11 -1.41
C ALA A 91 23.49 -2.47 -1.32
N ASN A 92 23.94 -2.84 -0.13
CA ASN A 92 25.34 -3.30 0.10
C ASN A 92 25.57 -4.66 -0.57
N SER A 93 24.67 -5.62 -0.37
CA SER A 93 24.86 -6.99 -0.89
C SER A 93 23.54 -7.69 -1.15
N PHE A 94 23.61 -8.72 -2.00
CA PHE A 94 22.45 -9.59 -2.32
C PHE A 94 22.19 -10.49 -1.14
N PRO A 95 20.91 -10.79 -0.84
CA PRO A 95 19.77 -10.12 -1.47
C PRO A 95 19.55 -8.72 -0.90
N TYR A 96 19.00 -7.81 -1.71
CA TYR A 96 18.52 -6.51 -1.20
C TYR A 96 17.49 -6.79 -0.12
N THR A 97 17.59 -6.09 1.00
CA THR A 97 16.69 -6.28 2.15
C THR A 97 16.16 -4.92 2.61
N PHE A 98 14.93 -4.97 3.14
CA PHE A 98 14.19 -3.81 3.67
C PHE A 98 14.03 -4.00 5.17
N GLY A 99 13.93 -2.89 5.87
CA GLY A 99 13.37 -2.83 7.20
C GLY A 99 11.89 -3.24 7.23
N GLN A 100 11.34 -3.38 8.42
CA GLN A 100 9.95 -3.88 8.61
C GLN A 100 8.93 -2.75 8.37
N GLY A 101 9.40 -1.51 8.28
CA GLY A 101 8.48 -0.38 8.10
C GLY A 101 8.14 0.28 9.42
N THR A 102 7.99 1.60 9.36
CA THR A 102 7.57 2.40 10.50
C THR A 102 6.35 3.20 10.04
N LYS A 103 5.24 3.02 10.73
CA LYS A 103 4.00 3.70 10.33
C LYS A 103 3.86 4.96 11.17
N VAL A 104 3.77 6.11 10.51
CA VAL A 104 3.58 7.41 11.19
C VAL A 104 2.11 7.77 11.09
N GLU A 105 1.45 7.80 12.25
N GLU A 105 1.41 7.74 12.22
CA GLU A 105 -0.01 8.03 12.37
CA GLU A 105 -0.05 8.03 12.31
C GLU A 105 -0.22 9.43 12.94
C GLU A 105 -0.22 9.43 12.91
N ILE A 106 -1.42 9.97 12.74
CA ILE A 106 -1.80 11.34 13.18
C ILE A 106 -2.25 11.25 14.63
N LYS A 107 -1.66 12.08 15.49
CA LYS A 107 -2.09 12.24 16.88
C LYS A 107 -3.29 13.19 16.90
N ARG A 108 -4.31 12.91 17.68
CA ARG A 108 -5.49 13.80 17.87
C ARG A 108 -6.04 13.55 19.27
N THR A 109 -7.09 14.28 19.65
CA THR A 109 -7.75 14.10 20.96
C THR A 109 -8.50 12.75 20.96
N VAL A 110 -8.68 12.20 22.14
CA VAL A 110 -9.50 10.98 22.37
C VAL A 110 -10.91 11.23 21.81
N ALA A 111 -11.43 10.28 21.02
CA ALA A 111 -12.82 10.30 20.53
C ALA A 111 -13.42 8.93 20.77
N ALA A 112 -14.51 8.89 21.54
CA ALA A 112 -15.23 7.65 21.87
C ALA A 112 -15.87 7.15 20.59
N PRO A 113 -15.97 5.83 20.36
CA PRO A 113 -16.77 5.34 19.24
C PRO A 113 -18.27 5.54 19.34
N SER A 114 -18.91 5.70 18.20
CA SER A 114 -20.35 5.47 17.98
C SER A 114 -20.52 3.99 17.67
N VAL A 115 -21.43 3.33 18.34
CA VAL A 115 -21.54 1.84 18.24
C VAL A 115 -22.88 1.47 17.65
N PHE A 116 -22.85 0.55 16.69
CA PHE A 116 -24.03 0.10 15.91
C PHE A 116 -23.96 -1.43 15.83
N ILE A 117 -25.11 -2.08 16.01
CA ILE A 117 -25.23 -3.56 15.90
C ILE A 117 -26.25 -3.83 14.79
N PHE A 118 -25.93 -4.77 13.92
CA PHE A 118 -26.80 -5.18 12.80
C PHE A 118 -27.14 -6.65 12.92
N PRO A 119 -28.44 -7.00 12.89
CA PRO A 119 -28.83 -8.39 12.90
C PRO A 119 -28.61 -9.00 11.53
N PRO A 120 -28.62 -10.36 11.44
CA PRO A 120 -28.47 -11.02 10.16
C PRO A 120 -29.70 -10.75 9.29
N SER A 121 -29.51 -10.87 7.98
CA SER A 121 -30.60 -10.72 7.00
C SER A 121 -31.36 -12.05 6.86
N ASP A 122 -32.62 -11.99 6.46
CA ASP A 122 -33.42 -13.23 6.11
C ASP A 122 -32.78 -13.98 4.94
N GLU A 123 -32.22 -13.27 3.97
CA GLU A 123 -31.57 -13.93 2.82
C GLU A 123 -30.44 -14.82 3.35
N GLN A 124 -29.60 -14.30 4.24
CA GLN A 124 -28.48 -15.11 4.75
C GLN A 124 -29.06 -16.29 5.56
N LEU A 125 -29.99 -16.05 6.47
CA LEU A 125 -30.60 -17.13 7.33
C LEU A 125 -31.18 -18.26 6.45
N LYS A 126 -31.77 -17.92 5.30
CA LYS A 126 -32.23 -18.92 4.29
C LYS A 126 -31.07 -19.78 3.79
N SER A 127 -29.83 -19.28 3.77
CA SER A 127 -28.63 -20.05 3.33
C SER A 127 -28.08 -20.90 4.48
N GLY A 128 -28.60 -20.77 5.71
CA GLY A 128 -28.23 -21.61 6.86
C GLY A 128 -27.24 -20.96 7.81
N THR A 129 -26.94 -19.68 7.64
CA THR A 129 -25.86 -18.96 8.38
C THR A 129 -26.40 -17.65 8.94
N ALA A 130 -25.84 -17.17 10.05
CA ALA A 130 -26.28 -15.87 10.65
C ALA A 130 -25.04 -15.07 11.06
N SER A 131 -24.82 -13.96 10.38
CA SER A 131 -23.74 -13.00 10.69
C SER A 131 -24.35 -11.78 11.34
N VAL A 132 -23.85 -11.46 12.51
CA VAL A 132 -24.22 -10.25 13.29
C VAL A 132 -23.00 -9.33 13.19
N VAL A 133 -23.22 -8.06 12.90
CA VAL A 133 -22.11 -7.10 12.73
C VAL A 133 -22.22 -5.97 13.75
N CYS A 134 -21.08 -5.65 14.34
CA CYS A 134 -20.89 -4.50 15.27
C CYS A 134 -19.93 -3.52 14.62
N LEU A 135 -20.36 -2.27 14.47
CA LEU A 135 -19.59 -1.15 13.90
C LEU A 135 -19.21 -0.20 15.04
N LEU A 136 -17.93 0.11 15.13
CA LEU A 136 -17.37 1.14 16.02
C LEU A 136 -16.88 2.25 15.11
N ASN A 137 -17.56 3.40 15.12
CA ASN A 137 -17.32 4.44 14.13
C ASN A 137 -16.55 5.61 14.75
N ASN A 138 -15.50 6.04 14.05
CA ASN A 138 -14.82 7.37 14.25
C ASN A 138 -14.35 7.52 15.69
N PHE A 139 -13.40 6.69 16.12
CA PHE A 139 -12.79 6.72 17.45
C PHE A 139 -11.27 6.94 17.35
N TYR A 140 -10.70 7.32 18.48
CA TYR A 140 -9.24 7.50 18.63
C TYR A 140 -8.92 7.42 20.12
N PRO A 141 -7.85 6.71 20.55
CA PRO A 141 -6.90 6.03 19.67
C PRO A 141 -7.42 4.69 19.10
N ARG A 142 -6.56 4.00 18.36
CA ARG A 142 -6.93 2.78 17.59
C ARG A 142 -7.33 1.60 18.49
N GLU A 143 -6.79 1.52 19.71
CA GLU A 143 -7.02 0.38 20.64
C GLU A 143 -8.50 0.39 21.06
N ALA A 144 -9.22 -0.67 20.73
CA ALA A 144 -10.63 -0.83 21.16
C ALA A 144 -10.87 -2.31 21.45
N LYS A 145 -11.77 -2.61 22.36
CA LYS A 145 -12.12 -4.02 22.67
C LYS A 145 -13.61 -4.22 22.37
N VAL A 146 -13.89 -5.23 21.56
CA VAL A 146 -15.27 -5.67 21.24
C VAL A 146 -15.47 -7.04 21.89
N GLN A 147 -16.53 -7.20 22.67
CA GLN A 147 -16.98 -8.51 23.21
C GLN A 147 -18.37 -8.83 22.71
N TRP A 148 -18.50 -9.97 22.06
CA TRP A 148 -19.81 -10.50 21.62
C TRP A 148 -20.39 -11.31 22.77
N LYS A 149 -21.65 -11.05 23.10
CA LYS A 149 -22.40 -11.84 24.11
C LYS A 149 -23.72 -12.29 23.50
N VAL A 150 -23.99 -13.60 23.56
CA VAL A 150 -25.29 -14.17 23.13
C VAL A 150 -25.96 -14.76 24.38
N ASP A 151 -27.11 -14.22 24.79
CA ASP A 151 -27.75 -14.54 26.10
C ASP A 151 -26.68 -14.53 27.20
N ASN A 152 -25.86 -13.48 27.22
CA ASN A 152 -24.78 -13.24 28.21
C ASN A 152 -23.67 -14.31 28.16
N ALA A 153 -23.58 -15.15 27.12
CA ALA A 153 -22.42 -16.04 26.92
C ALA A 153 -21.40 -15.35 26.02
N LEU A 154 -20.18 -15.14 26.50
CA LEU A 154 -19.09 -14.49 25.73
C LEU A 154 -18.76 -15.40 24.56
N GLN A 155 -18.77 -14.87 23.35
CA GLN A 155 -18.40 -15.62 22.12
C GLN A 155 -16.94 -15.38 21.79
N SER A 156 -16.23 -16.45 21.51
CA SER A 156 -14.80 -16.41 21.17
C SER A 156 -14.53 -17.41 20.03
N GLY A 157 -13.72 -17.00 19.05
CA GLY A 157 -13.28 -17.84 17.92
C GLY A 157 -14.23 -17.83 16.74
N ASN A 158 -15.41 -17.24 16.88
CA ASN A 158 -16.44 -17.22 15.81
C ASN A 158 -16.71 -15.78 15.35
N SER A 159 -15.77 -14.87 15.61
CA SER A 159 -15.88 -13.49 15.07
C SER A 159 -14.55 -13.10 14.43
N GLN A 160 -14.59 -12.14 13.52
CA GLN A 160 -13.37 -11.55 12.97
C GLN A 160 -13.63 -10.06 12.85
N GLU A 161 -12.57 -9.28 12.98
CA GLU A 161 -12.71 -7.81 12.91
C GLU A 161 -11.62 -7.24 12.02
N SER A 162 -11.88 -6.04 11.59
CA SER A 162 -11.00 -5.32 10.67
C SER A 162 -11.08 -3.83 11.07
N VAL A 163 -10.03 -3.08 10.81
CA VAL A 163 -9.95 -1.63 11.19
C VAL A 163 -9.51 -0.86 9.96
N THR A 164 -10.15 0.28 9.70
CA THR A 164 -9.84 1.13 8.55
C THR A 164 -8.49 1.83 8.82
N GLU A 165 -7.88 2.31 7.73
CA GLU A 165 -6.78 3.29 7.79
C GLU A 165 -7.35 4.57 8.41
N GLN A 166 -6.50 5.36 9.03
CA GLN A 166 -6.91 6.57 9.73
C GLN A 166 -7.61 7.49 8.73
N ASP A 167 -8.71 8.10 9.13
CA ASP A 167 -9.51 8.97 8.23
C ASP A 167 -8.70 10.24 7.89
N SER A 168 -8.66 10.58 6.60
CA SER A 168 -8.08 11.81 6.00
C SER A 168 -8.55 13.07 6.75
N LYS A 169 -9.85 13.21 6.97
CA LYS A 169 -10.50 14.46 7.48
C LYS A 169 -10.43 14.56 9.00
N ASP A 170 -10.76 13.50 9.77
CA ASP A 170 -10.93 13.66 11.24
C ASP A 170 -9.89 12.84 12.01
N SER A 171 -8.96 12.13 11.35
CA SER A 171 -7.87 11.37 12.01
C SER A 171 -8.40 10.23 12.87
N THR A 172 -9.62 9.73 12.63
CA THR A 172 -10.19 8.63 13.43
C THR A 172 -10.08 7.30 12.68
N TYR A 173 -10.31 6.26 13.45
CA TYR A 173 -10.46 4.85 13.03
C TYR A 173 -11.92 4.42 13.12
N SER A 174 -12.25 3.43 12.31
CA SER A 174 -13.48 2.63 12.48
C SER A 174 -13.12 1.16 12.52
N LEU A 175 -14.00 0.37 13.13
CA LEU A 175 -13.77 -1.07 13.32
C LEU A 175 -15.06 -1.80 13.01
N SER A 176 -14.95 -2.90 12.28
CA SER A 176 -16.10 -3.76 11.93
C SER A 176 -15.79 -5.17 12.45
N SER A 177 -16.69 -5.70 13.30
CA SER A 177 -16.62 -7.09 13.81
C SER A 177 -17.80 -7.89 13.28
N THR A 178 -17.53 -9.08 12.76
CA THR A 178 -18.57 -10.02 12.28
C THR A 178 -18.57 -11.28 13.16
N LEU A 179 -19.71 -11.55 13.82
CA LEU A 179 -19.97 -12.80 14.56
C LEU A 179 -20.78 -13.70 13.64
N THR A 180 -20.28 -14.90 13.34
CA THR A 180 -21.03 -15.82 12.44
C THR A 180 -21.43 -17.07 13.23
N LEU A 181 -22.73 -17.35 13.24
CA LEU A 181 -23.33 -18.58 13.86
C LEU A 181 -24.04 -19.36 12.75
N SER A 182 -24.40 -20.62 13.01
CA SER A 182 -25.33 -21.34 12.12
C SER A 182 -26.71 -20.75 12.36
N LYS A 183 -27.60 -20.85 11.40
CA LYS A 183 -29.03 -20.47 11.60
C LYS A 183 -29.57 -21.17 12.85
N ALA A 184 -29.33 -22.48 12.99
CA ALA A 184 -29.85 -23.27 14.14
C ALA A 184 -29.35 -22.60 15.44
N ASP A 185 -28.07 -22.25 15.54
CA ASP A 185 -27.56 -21.63 16.80
C ASP A 185 -28.18 -20.24 16.99
N TYR A 186 -28.30 -19.48 15.92
CA TYR A 186 -28.92 -18.13 15.96
C TYR A 186 -30.34 -18.21 16.49
N GLU A 187 -31.09 -19.18 15.97
CA GLU A 187 -32.53 -19.35 16.32
C GLU A 187 -32.71 -19.84 17.76
N LYS A 188 -31.70 -20.43 18.43
CA LYS A 188 -31.78 -20.93 19.84
C LYS A 188 -31.64 -19.82 20.88
N HIS A 189 -31.21 -18.61 20.52
CA HIS A 189 -30.90 -17.55 21.53
C HIS A 189 -31.72 -16.31 21.22
N LYS A 190 -31.88 -15.44 22.21
CA LYS A 190 -32.74 -14.24 22.10
C LYS A 190 -31.88 -12.97 22.04
N VAL A 191 -30.99 -12.75 23.00
CA VAL A 191 -30.29 -11.44 23.17
C VAL A 191 -28.91 -11.50 22.49
N TYR A 192 -28.67 -10.59 21.54
CA TYR A 192 -27.40 -10.45 20.80
C TYR A 192 -26.79 -9.11 21.14
N ALA A 193 -25.61 -9.11 21.73
CA ALA A 193 -25.00 -7.88 22.30
C ALA A 193 -23.55 -7.76 21.86
N CYS A 194 -23.20 -6.52 21.52
CA CYS A 194 -21.83 -6.01 21.24
C CYS A 194 -21.44 -5.11 22.42
N GLU A 195 -20.40 -5.44 23.18
CA GLU A 195 -19.91 -4.65 24.35
C GLU A 195 -18.51 -4.07 24.05
N VAL A 196 -18.42 -2.74 24.09
CA VAL A 196 -17.26 -1.96 23.60
C VAL A 196 -16.60 -1.23 24.76
N THR A 197 -15.30 -1.42 24.88
CA THR A 197 -14.39 -0.77 25.83
C THR A 197 -13.46 0.10 25.01
N HIS A 198 -13.24 1.32 25.47
CA HIS A 198 -12.32 2.24 24.79
C HIS A 198 -11.94 3.35 25.76
N GLN A 199 -10.76 3.91 25.59
CA GLN A 199 -10.27 5.06 26.43
C GLN A 199 -11.31 6.16 26.51
N GLY A 200 -12.06 6.41 25.45
CA GLY A 200 -13.03 7.51 25.36
C GLY A 200 -14.30 7.26 26.15
N LEU A 201 -14.50 6.03 26.64
CA LEU A 201 -15.76 5.62 27.31
C LEU A 201 -15.43 5.44 28.79
N SER A 202 -16.12 6.17 29.66
CA SER A 202 -16.00 6.06 31.14
C SER A 202 -16.40 4.65 31.58
N SER A 203 -17.42 4.06 30.95
CA SER A 203 -17.76 2.64 31.17
C SER A 203 -18.15 1.98 29.85
N PRO A 204 -18.09 0.64 29.76
CA PRO A 204 -18.31 -0.06 28.50
C PRO A 204 -19.72 0.22 27.96
N VAL A 205 -19.82 0.38 26.66
CA VAL A 205 -21.10 0.63 25.93
C VAL A 205 -21.54 -0.69 25.31
N THR A 206 -22.78 -1.08 25.58
CA THR A 206 -23.39 -2.31 25.03
C THR A 206 -24.52 -1.94 24.07
N LYS A 207 -24.45 -2.37 22.81
CA LYS A 207 -25.58 -2.27 21.86
C LYS A 207 -26.13 -3.69 21.68
N SER A 208 -27.45 -3.86 21.76
CA SER A 208 -28.02 -5.22 21.66
C SER A 208 -29.31 -5.19 20.88
N PHE A 209 -29.76 -6.37 20.48
CA PHE A 209 -31.13 -6.57 19.99
C PHE A 209 -31.61 -7.91 20.50
N ASN A 210 -32.92 -8.11 20.47
CA ASN A 210 -33.60 -9.39 20.77
C ASN A 210 -34.07 -9.95 19.43
N ARG A 211 -33.68 -11.17 19.12
CA ARG A 211 -34.04 -11.84 17.84
C ARG A 211 -35.58 -11.86 17.77
N GLY A 212 -36.16 -11.66 16.58
CA GLY A 212 -37.63 -11.62 16.38
C GLY A 212 -38.23 -10.24 16.69
N GLU A 213 -37.90 -9.65 17.84
CA GLU A 213 -38.29 -8.27 18.22
C GLU A 213 -37.52 -7.27 17.34
N GLU B 1 7.47 10.81 -19.71
CA GLU B 1 6.64 10.17 -18.65
C GLU B 1 7.10 8.72 -18.45
N VAL B 2 7.80 8.42 -17.35
CA VAL B 2 8.36 7.07 -17.07
C VAL B 2 7.25 6.20 -16.45
N GLN B 3 6.94 5.06 -17.05
CA GLN B 3 5.85 4.15 -16.60
C GLN B 3 6.37 2.71 -16.57
N LEU B 4 5.93 1.96 -15.56
CA LEU B 4 6.01 0.49 -15.51
C LEU B 4 4.59 -0.02 -15.32
N VAL B 5 4.09 -0.80 -16.26
CA VAL B 5 2.71 -1.34 -16.19
C VAL B 5 2.77 -2.85 -16.11
N GLU B 6 2.33 -3.42 -14.98
N GLU B 6 2.24 -3.42 -15.05
CA GLU B 6 2.33 -4.88 -14.74
CA GLU B 6 2.32 -4.87 -14.83
C GLU B 6 1.08 -5.51 -15.38
C GLU B 6 1.05 -5.54 -15.35
N SER B 7 1.17 -6.80 -15.73
CA SER B 7 0.04 -7.64 -16.16
C SER B 7 0.37 -9.07 -15.77
N GLY B 8 -0.61 -9.97 -15.85
CA GLY B 8 -0.39 -11.42 -15.67
C GLY B 8 -0.61 -11.87 -14.24
N GLY B 9 -1.10 -10.98 -13.40
CA GLY B 9 -1.45 -11.36 -12.02
C GLY B 9 -2.57 -12.38 -12.04
N GLY B 10 -2.81 -13.04 -10.93
CA GLY B 10 -3.93 -14.00 -10.89
C GLY B 10 -3.85 -14.89 -9.68
N PHE B 11 -4.49 -16.04 -9.78
CA PHE B 11 -4.66 -16.95 -8.64
C PHE B 11 -4.60 -18.39 -9.15
N VAL B 12 -3.98 -19.24 -8.36
CA VAL B 12 -3.74 -20.67 -8.71
C VAL B 12 -3.72 -21.45 -7.41
N GLN B 13 -3.87 -22.75 -7.54
CA GLN B 13 -3.67 -23.73 -6.46
C GLN B 13 -2.18 -23.81 -6.18
N PRO B 14 -1.78 -24.27 -4.98
CA PRO B 14 -0.39 -24.53 -4.69
C PRO B 14 0.15 -25.49 -5.77
N GLY B 15 1.36 -25.22 -6.27
CA GLY B 15 1.99 -26.00 -7.35
C GLY B 15 1.68 -25.44 -8.71
N GLY B 16 0.77 -24.47 -8.79
CA GLY B 16 0.42 -23.79 -10.06
C GLY B 16 1.52 -22.85 -10.59
N SER B 17 1.29 -22.27 -11.74
N SER B 17 1.26 -22.25 -11.74
CA SER B 17 2.21 -21.29 -12.40
CA SER B 17 2.18 -21.34 -12.47
C SER B 17 1.44 -20.07 -12.88
C SER B 17 1.44 -20.08 -12.92
N LEU B 18 2.12 -18.93 -12.86
CA LEU B 18 1.65 -17.65 -13.44
C LEU B 18 2.86 -17.02 -14.09
N ARG B 19 2.63 -16.09 -15.00
CA ARG B 19 3.70 -15.32 -15.63
C ARG B 19 3.37 -13.84 -15.55
N LEU B 20 4.12 -13.10 -14.73
CA LEU B 20 3.95 -11.63 -14.65
C LEU B 20 4.70 -11.00 -15.81
N SER B 21 4.19 -9.89 -16.29
CA SER B 21 4.85 -9.12 -17.34
C SER B 21 4.80 -7.66 -16.91
N CYS B 22 5.78 -6.92 -17.37
CA CYS B 22 5.88 -5.48 -17.08
C CYS B 22 6.28 -4.78 -18.35
N ALA B 23 5.47 -3.83 -18.79
CA ALA B 23 5.74 -2.97 -19.94
C ALA B 23 6.32 -1.65 -19.44
N ALA B 24 7.49 -1.32 -19.97
CA ALA B 24 8.28 -0.13 -19.63
C ALA B 24 8.07 0.90 -20.73
N SER B 25 7.83 2.14 -20.35
CA SER B 25 7.78 3.26 -21.32
C SER B 25 8.43 4.51 -20.73
N GLY B 26 8.91 5.39 -21.62
CA GLY B 26 9.43 6.71 -21.27
C GLY B 26 10.89 6.69 -20.91
N PHE B 27 11.59 5.58 -21.10
CA PHE B 27 13.06 5.51 -20.89
C PHE B 27 13.64 4.39 -21.73
N THR B 28 14.95 4.38 -21.92
CA THR B 28 15.61 3.34 -22.74
C THR B 28 15.78 2.10 -21.86
N PHE B 29 14.82 1.20 -21.96
CA PHE B 29 14.67 0.06 -21.03
C PHE B 29 15.97 -0.77 -20.94
N SER B 30 16.60 -1.02 -22.10
CA SER B 30 17.78 -1.92 -22.20
C SER B 30 18.92 -1.40 -21.32
N ASN B 31 18.98 -0.12 -21.03
CA ASN B 31 20.10 0.52 -20.28
C ASN B 31 20.01 0.19 -18.78
N PHE B 32 18.85 -0.24 -18.28
CA PHE B 32 18.58 -0.28 -16.82
C PHE B 32 18.55 -1.71 -16.31
N ASP B 33 19.01 -1.87 -15.08
CA ASP B 33 18.71 -3.06 -14.27
C ASP B 33 17.22 -3.00 -13.91
N MET B 34 16.59 -4.16 -13.86
CA MET B 34 15.15 -4.25 -13.55
C MET B 34 14.98 -5.30 -12.48
N HIS B 35 13.97 -5.14 -11.62
CA HIS B 35 13.73 -6.00 -10.45
C HIS B 35 12.23 -6.30 -10.24
N TRP B 36 11.95 -7.32 -9.48
CA TRP B 36 10.61 -7.59 -8.92
C TRP B 36 10.71 -7.55 -7.41
N VAL B 37 9.79 -6.84 -6.77
CA VAL B 37 9.74 -6.71 -5.30
C VAL B 37 8.31 -7.06 -4.93
N ARG B 38 8.13 -7.83 -3.87
CA ARG B 38 6.77 -8.22 -3.45
C ARG B 38 6.49 -7.73 -2.05
N GLN B 39 5.19 -7.63 -1.77
CA GLN B 39 4.72 -7.15 -0.46
C GLN B 39 3.50 -7.94 -0.02
N SER B 40 3.54 -8.39 1.22
CA SER B 40 2.33 -8.88 1.93
C SER B 40 2.34 -8.31 3.35
N PRO B 41 1.17 -8.22 4.00
CA PRO B 41 1.15 -7.70 5.37
C PRO B 41 2.18 -8.41 6.29
N GLY B 42 2.45 -9.70 6.05
CA GLY B 42 3.26 -10.58 6.92
C GLY B 42 4.71 -10.75 6.49
N LYS B 43 5.11 -10.35 5.27
CA LYS B 43 6.53 -10.44 4.80
C LYS B 43 7.17 -9.04 4.62
N GLY B 44 6.43 -7.94 4.87
CA GLY B 44 6.77 -6.53 4.54
C GLY B 44 7.15 -6.38 3.06
N LEU B 45 8.19 -5.60 2.72
CA LEU B 45 8.75 -5.57 1.34
C LEU B 45 9.88 -6.60 1.23
N GLU B 46 9.88 -7.36 0.13
CA GLU B 46 10.86 -8.42 -0.11
C GLU B 46 11.29 -8.34 -1.58
N TRP B 47 12.57 -8.11 -1.81
CA TRP B 47 13.13 -8.24 -3.17
C TRP B 47 13.10 -9.71 -3.58
N VAL B 48 12.66 -9.97 -4.79
CA VAL B 48 12.39 -11.33 -5.33
C VAL B 48 13.53 -11.68 -6.28
N SER B 49 13.80 -10.81 -7.22
CA SER B 49 14.64 -11.14 -8.39
C SER B 49 15.07 -9.86 -9.09
N GLY B 50 16.25 -9.89 -9.70
CA GLY B 50 16.78 -8.79 -10.50
C GLY B 50 17.45 -9.32 -11.74
N LEU B 51 17.35 -8.56 -12.82
CA LEU B 51 17.99 -8.88 -14.10
C LEU B 51 18.70 -7.60 -14.54
N ASP B 52 20.02 -7.63 -14.45
CA ASP B 52 20.84 -6.43 -14.68
C ASP B 52 20.91 -6.12 -16.19
N HIS B 53 21.27 -4.90 -16.48
CA HIS B 53 21.39 -4.37 -17.87
C HIS B 53 22.38 -5.22 -18.68
N SER B 54 23.21 -6.02 -18.01
CA SER B 54 24.22 -6.94 -18.64
C SER B 54 23.66 -8.35 -18.87
N GLY B 55 22.41 -8.63 -18.48
CA GLY B 55 21.79 -9.97 -18.63
C GLY B 55 22.03 -10.89 -17.43
N GLY B 56 22.71 -10.44 -16.36
CA GLY B 56 22.92 -11.21 -15.11
C GLY B 56 21.66 -11.28 -14.23
N ALA B 57 21.17 -12.48 -13.91
CA ALA B 57 19.97 -12.69 -13.07
C ALA B 57 20.41 -12.96 -11.63
N HIS B 58 19.64 -12.48 -10.67
CA HIS B 58 19.84 -12.71 -9.22
C HIS B 58 18.48 -13.06 -8.64
N TYR B 59 18.44 -13.90 -7.63
CA TYR B 59 17.20 -14.39 -6.99
C TYR B 59 17.34 -14.40 -5.48
N ALA B 60 16.24 -14.09 -4.80
CA ALA B 60 16.10 -14.34 -3.36
C ALA B 60 16.09 -15.86 -3.16
N GLY B 61 16.66 -16.34 -2.06
CA GLY B 61 16.67 -17.78 -1.75
C GLY B 61 15.28 -18.37 -1.65
N SER B 62 14.32 -17.56 -1.20
CA SER B 62 12.88 -17.94 -1.05
C SER B 62 12.25 -18.35 -2.38
N VAL B 63 12.82 -18.00 -3.53
CA VAL B 63 12.19 -18.33 -4.84
C VAL B 63 13.13 -19.14 -5.75
N LYS B 64 14.34 -19.43 -5.30
CA LYS B 64 15.33 -20.14 -6.15
C LYS B 64 14.74 -21.48 -6.54
N GLY B 65 14.94 -21.83 -7.80
CA GLY B 65 14.42 -23.08 -8.40
C GLY B 65 12.98 -22.93 -8.86
N ARG B 66 12.28 -21.83 -8.53
CA ARG B 66 10.83 -21.78 -8.83
C ARG B 66 10.51 -20.59 -9.74
N PHE B 67 11.18 -19.47 -9.54
CA PHE B 67 10.93 -18.25 -10.34
C PHE B 67 12.07 -18.05 -11.33
N THR B 68 11.71 -17.55 -12.51
CA THR B 68 12.63 -17.15 -13.57
C THR B 68 12.33 -15.74 -14.08
N ILE B 69 13.34 -14.87 -14.01
CA ILE B 69 13.21 -13.48 -14.53
C ILE B 69 13.75 -13.51 -15.96
N SER B 70 13.12 -12.75 -16.85
CA SER B 70 13.59 -12.59 -18.23
C SER B 70 13.22 -11.20 -18.72
N ARG B 71 13.84 -10.77 -19.79
CA ARG B 71 13.42 -9.50 -20.42
C ARG B 71 13.55 -9.66 -21.92
N GLU B 72 12.75 -8.88 -22.65
CA GLU B 72 12.80 -8.72 -24.13
C GLU B 72 13.01 -7.25 -24.42
N ASP B 73 14.26 -6.84 -24.60
CA ASP B 73 14.67 -5.41 -24.72
C ASP B 73 13.93 -4.79 -25.91
N ALA B 74 13.72 -5.56 -26.99
CA ALA B 74 13.07 -5.08 -28.24
C ALA B 74 11.60 -4.77 -27.96
N LYS B 75 11.01 -5.34 -26.91
CA LYS B 75 9.58 -5.12 -26.59
C LYS B 75 9.44 -4.34 -25.29
N ASN B 76 10.54 -3.83 -24.73
CA ASN B 76 10.44 -3.03 -23.49
C ASN B 76 9.64 -3.80 -22.43
N SER B 77 9.87 -5.12 -22.32
CA SER B 77 9.16 -5.94 -21.32
C SER B 77 10.11 -6.74 -20.40
N LEU B 78 9.68 -6.87 -19.16
CA LEU B 78 10.33 -7.69 -18.13
C LEU B 78 9.30 -8.71 -17.66
N ASP B 79 9.66 -9.96 -17.56
CA ASP B 79 8.72 -11.04 -17.14
C ASP B 79 9.23 -11.75 -15.89
N LEU B 80 8.31 -12.36 -15.16
CA LEU B 80 8.63 -13.25 -14.02
C LEU B 80 7.76 -14.50 -14.18
N GLN B 81 8.39 -15.59 -14.62
CA GLN B 81 7.73 -16.91 -14.69
C GLN B 81 7.72 -17.46 -13.27
N MET B 82 6.53 -17.72 -12.72
N MET B 82 6.53 -17.74 -12.74
CA MET B 82 6.39 -18.17 -11.31
CA MET B 82 6.38 -18.19 -11.34
C MET B 82 5.81 -19.58 -11.36
C MET B 82 5.80 -19.60 -11.37
N ASN B 83 6.65 -20.58 -11.06
CA ASN B 83 6.28 -22.01 -11.08
C ASN B 83 6.30 -22.56 -9.68
N ASN B 84 5.71 -23.75 -9.48
CA ASN B 84 5.75 -24.42 -8.17
C ASN B 84 5.26 -23.45 -7.07
N LEU B 85 4.19 -22.72 -7.35
CA LEU B 85 3.77 -21.60 -6.46
C LEU B 85 3.36 -22.13 -5.08
N ARG B 86 3.74 -21.39 -4.04
CA ARG B 86 3.42 -21.71 -2.63
C ARG B 86 2.43 -20.69 -2.05
N VAL B 87 1.68 -21.09 -1.05
CA VAL B 87 0.71 -20.16 -0.41
C VAL B 87 1.49 -18.91 0.04
N ASP B 88 2.70 -19.08 0.58
CA ASP B 88 3.49 -17.93 1.08
C ASP B 88 4.07 -17.10 -0.07
N ASP B 89 3.79 -17.39 -1.35
CA ASP B 89 4.10 -16.47 -2.49
C ASP B 89 2.96 -15.44 -2.67
N THR B 90 1.88 -15.58 -1.94
CA THR B 90 0.72 -14.65 -2.06
C THR B 90 1.18 -13.24 -1.70
N ALA B 91 1.06 -12.30 -2.61
CA ALA B 91 1.61 -10.95 -2.38
C ALA B 91 1.18 -10.05 -3.52
N VAL B 92 1.39 -8.75 -3.33
CA VAL B 92 1.40 -7.79 -4.46
C VAL B 92 2.81 -7.78 -5.01
N TYR B 93 2.94 -7.94 -6.32
CA TYR B 93 4.25 -7.93 -7.01
C TYR B 93 4.41 -6.62 -7.74
N PHE B 94 5.51 -5.94 -7.46
CA PHE B 94 5.89 -4.70 -8.15
C PHE B 94 7.06 -4.96 -9.11
N CYS B 95 6.91 -4.46 -10.31
CA CYS B 95 8.02 -4.25 -11.29
C CYS B 95 8.75 -2.98 -10.85
N VAL B 96 10.09 -3.00 -10.77
CA VAL B 96 10.85 -1.86 -10.23
C VAL B 96 12.11 -1.63 -11.08
N ARG B 97 12.41 -0.35 -11.32
CA ARG B 97 13.62 0.07 -12.04
C ARG B 97 14.75 0.32 -11.03
N GLY B 98 15.92 -0.26 -11.26
CA GLY B 98 17.12 0.14 -10.53
C GLY B 98 17.61 1.46 -11.05
N THR B 99 18.16 2.29 -10.18
CA THR B 99 18.78 3.56 -10.56
C THR B 99 19.97 3.34 -11.51
N LEU B 100 20.19 4.35 -12.35
CA LEU B 100 21.38 4.45 -13.21
C LEU B 100 21.92 5.85 -13.04
N TYR B 101 22.93 5.98 -12.21
CA TYR B 101 23.52 7.29 -11.83
C TYR B 101 24.91 7.39 -12.46
N HIS B 102 25.22 8.54 -13.10
CA HIS B 102 26.52 8.81 -13.74
C HIS B 102 27.32 9.70 -12.79
N TYR B 103 28.60 9.38 -12.66
CA TYR B 103 29.57 10.15 -11.86
C TYR B 103 30.81 10.33 -12.73
N THR B 104 31.76 11.16 -12.31
CA THR B 104 33.03 11.32 -13.07
C THR B 104 33.74 9.97 -13.15
N SER B 105 33.58 9.12 -12.15
CA SER B 105 34.23 7.78 -12.05
C SER B 105 33.44 6.71 -12.83
N GLY B 106 32.23 7.03 -13.31
CA GLY B 106 31.50 6.12 -14.22
C GLY B 106 30.04 5.85 -13.83
N SER B 107 29.54 4.68 -14.22
CA SER B 107 28.10 4.33 -14.27
C SER B 107 27.79 3.39 -13.12
N TYR B 108 26.80 3.70 -12.29
CA TYR B 108 26.49 2.88 -11.09
C TYR B 108 25.01 2.50 -11.15
N TYR B 109 24.74 1.25 -10.88
CA TYR B 109 23.42 0.63 -11.11
C TYR B 109 22.83 0.08 -9.82
N SER B 110 21.52 0.25 -9.68
CA SER B 110 20.71 -0.35 -8.60
C SER B 110 21.18 0.08 -7.20
N ASP B 111 21.69 1.30 -7.06
CA ASP B 111 21.88 1.91 -5.74
C ASP B 111 20.55 1.89 -4.97
N ALA B 112 19.47 2.13 -5.69
CA ALA B 112 18.10 2.29 -5.17
C ALA B 112 17.11 1.86 -6.27
N PHE B 113 15.85 1.75 -5.90
CA PHE B 113 14.74 1.38 -6.78
C PHE B 113 13.90 2.65 -7.01
N ASP B 114 14.09 3.32 -8.14
CA ASP B 114 13.55 4.70 -8.28
C ASP B 114 12.15 4.72 -8.92
N ILE B 115 11.81 3.75 -9.76
CA ILE B 115 10.47 3.72 -10.42
C ILE B 115 9.83 2.40 -10.06
N TRP B 116 8.57 2.46 -9.60
CA TRP B 116 7.82 1.26 -9.20
C TRP B 116 6.53 1.21 -10.01
N GLY B 117 6.15 0.06 -10.53
CA GLY B 117 4.79 -0.17 -11.09
C GLY B 117 3.74 -0.12 -10.00
N GLN B 118 2.47 -0.12 -10.38
CA GLN B 118 1.29 -0.05 -9.47
C GLN B 118 1.17 -1.35 -8.65
N GLY B 119 1.76 -2.43 -9.09
CA GLY B 119 1.68 -3.74 -8.41
C GLY B 119 0.51 -4.56 -8.94
N THR B 120 0.61 -5.88 -8.90
CA THR B 120 -0.42 -6.83 -9.40
C THR B 120 -0.48 -7.93 -8.36
N LEU B 121 -1.68 -8.34 -8.00
CA LEU B 121 -1.86 -9.32 -6.92
C LEU B 121 -1.69 -10.75 -7.48
N VAL B 122 -0.95 -11.56 -6.73
CA VAL B 122 -0.81 -13.02 -6.94
C VAL B 122 -1.37 -13.69 -5.70
N THR B 123 -2.35 -14.59 -5.88
CA THR B 123 -2.91 -15.37 -4.75
C THR B 123 -2.71 -16.86 -5.01
N VAL B 124 -2.17 -17.54 -4.04
CA VAL B 124 -1.97 -19.01 -4.09
C VAL B 124 -2.75 -19.59 -2.94
N SER B 125 -3.72 -20.44 -3.26
CA SER B 125 -4.65 -21.02 -2.29
C SER B 125 -5.26 -22.29 -2.90
N SER B 126 -5.63 -23.21 -2.03
CA SER B 126 -6.46 -24.39 -2.41
C SER B 126 -7.93 -23.99 -2.61
N ALA B 127 -8.35 -22.75 -2.25
CA ALA B 127 -9.73 -22.27 -2.43
C ALA B 127 -10.06 -22.19 -3.91
N SER B 128 -11.36 -22.26 -4.25
CA SER B 128 -11.92 -22.11 -5.62
C SER B 128 -12.53 -20.73 -5.84
N VAL B 129 -12.56 -20.28 -7.07
CA VAL B 129 -13.19 -19.00 -7.46
C VAL B 129 -14.61 -18.98 -6.91
N LYS B 130 -15.01 -17.88 -6.29
CA LYS B 130 -16.38 -17.79 -5.75
C LYS B 130 -16.76 -16.30 -5.67
N GLY B 131 -17.87 -15.94 -6.28
CA GLY B 131 -18.39 -14.57 -6.20
C GLY B 131 -19.03 -14.36 -4.83
N PRO B 132 -19.09 -13.12 -4.31
CA PRO B 132 -19.62 -12.91 -2.97
C PRO B 132 -21.16 -13.02 -2.92
N SER B 133 -21.70 -13.33 -1.76
CA SER B 133 -23.09 -13.00 -1.40
C SER B 133 -23.08 -11.61 -0.76
N VAL B 134 -23.97 -10.73 -1.18
CA VAL B 134 -23.98 -9.36 -0.60
C VAL B 134 -25.23 -9.25 0.27
N PHE B 135 -25.04 -9.13 1.56
CA PHE B 135 -26.17 -9.02 2.53
C PHE B 135 -26.26 -7.61 3.05
N PRO B 136 -27.50 -7.14 3.41
CA PRO B 136 -27.67 -5.81 3.97
C PRO B 136 -27.25 -5.76 5.43
N LEU B 137 -26.65 -4.64 5.83
CA LEU B 137 -26.49 -4.22 7.24
C LEU B 137 -27.57 -3.16 7.47
N ALA B 138 -28.75 -3.60 7.89
CA ALA B 138 -30.00 -2.81 7.84
C ALA B 138 -30.11 -2.07 9.15
N PRO B 139 -30.23 -0.73 9.09
CA PRO B 139 -30.39 0.10 10.26
C PRO B 139 -31.84 -0.05 10.76
N SER B 140 -32.07 -0.01 12.06
CA SER B 140 -33.43 0.18 12.61
C SER B 140 -33.43 1.54 13.31
N SER B 141 -34.49 2.31 13.18
CA SER B 141 -34.61 3.57 13.96
C SER B 141 -36.08 3.89 14.21
N LYS B 142 -36.30 4.71 15.24
CA LYS B 142 -37.62 5.28 15.60
C LYS B 142 -37.94 6.36 14.57
N SER B 143 -39.24 6.63 14.36
CA SER B 143 -39.73 7.67 13.43
C SER B 143 -39.24 9.05 13.90
N THR B 144 -38.84 9.17 15.15
CA THR B 144 -38.36 10.43 15.75
C THR B 144 -36.86 10.36 16.07
N SER B 145 -36.10 9.35 15.61
CA SER B 145 -34.67 9.29 16.03
C SER B 145 -33.90 10.44 15.36
N GLY B 146 -32.87 10.91 16.04
CA GLY B 146 -31.94 11.91 15.48
C GLY B 146 -30.54 11.38 15.42
N GLY B 147 -29.60 12.30 15.26
CA GLY B 147 -28.17 12.00 15.18
C GLY B 147 -27.86 11.18 13.95
N THR B 148 -26.89 10.28 14.09
CA THR B 148 -26.25 9.54 12.99
C THR B 148 -26.79 8.10 13.00
N ALA B 149 -27.18 7.61 11.82
CA ALA B 149 -27.51 6.19 11.62
C ALA B 149 -26.36 5.60 10.79
N ALA B 150 -26.18 4.29 10.88
CA ALA B 150 -25.19 3.57 10.05
C ALA B 150 -25.96 2.50 9.28
N LEU B 151 -25.56 2.25 8.04
CA LEU B 151 -26.10 1.15 7.23
C LEU B 151 -24.94 0.60 6.40
N GLY B 152 -25.09 -0.56 5.79
CA GLY B 152 -23.94 -1.16 5.12
C GLY B 152 -24.29 -2.36 4.31
N CYS B 153 -23.25 -2.91 3.70
CA CYS B 153 -23.28 -4.18 2.95
C CYS B 153 -22.20 -5.10 3.51
N LEU B 154 -22.57 -6.35 3.78
CA LEU B 154 -21.64 -7.44 4.16
C LEU B 154 -21.39 -8.25 2.89
N VAL B 155 -20.17 -8.20 2.41
CA VAL B 155 -19.78 -8.85 1.13
C VAL B 155 -19.10 -10.14 1.53
N LYS B 156 -19.84 -11.26 1.55
CA LYS B 156 -19.41 -12.44 2.33
C LYS B 156 -19.00 -13.60 1.41
N ASP B 157 -17.93 -14.30 1.80
CA ASP B 157 -17.50 -15.59 1.16
C ASP B 157 -17.15 -15.46 -0.32
N TYR B 158 -16.10 -14.73 -0.65
CA TYR B 158 -15.62 -14.59 -2.04
C TYR B 158 -14.16 -15.03 -2.05
N PHE B 159 -13.70 -15.35 -3.25
CA PHE B 159 -12.29 -15.75 -3.50
C PHE B 159 -12.03 -15.60 -4.97
N PRO B 160 -10.87 -15.01 -5.36
CA PRO B 160 -9.95 -14.35 -4.43
C PRO B 160 -10.25 -12.87 -4.23
N GLU B 161 -9.35 -12.14 -3.57
CA GLU B 161 -9.35 -10.66 -3.62
C GLU B 161 -9.05 -10.22 -5.04
N PRO B 162 -9.41 -9.00 -5.45
CA PRO B 162 -10.15 -8.06 -4.60
C PRO B 162 -11.64 -7.95 -4.98
N VAL B 163 -12.42 -7.28 -4.13
CA VAL B 163 -13.73 -6.70 -4.56
C VAL B 163 -13.63 -5.18 -4.53
N THR B 164 -14.36 -4.48 -5.37
CA THR B 164 -14.53 -3.02 -5.27
C THR B 164 -15.96 -2.75 -4.80
N VAL B 165 -16.11 -1.74 -3.94
CA VAL B 165 -17.41 -1.32 -3.36
C VAL B 165 -17.55 0.17 -3.60
N SER B 166 -18.65 0.58 -4.23
CA SER B 166 -19.05 1.99 -4.26
C SER B 166 -20.47 2.10 -3.67
N TRP B 167 -20.91 3.31 -3.42
CA TRP B 167 -22.28 3.59 -2.92
C TRP B 167 -22.94 4.54 -3.92
N ASN B 168 -24.15 4.21 -4.36
CA ASN B 168 -24.93 5.06 -5.31
C ASN B 168 -24.06 5.39 -6.52
N SER B 169 -23.35 4.39 -7.02
CA SER B 169 -22.55 4.45 -8.28
C SER B 169 -21.50 5.55 -8.15
N GLY B 170 -20.97 5.78 -6.95
CA GLY B 170 -19.89 6.77 -6.74
C GLY B 170 -20.39 8.13 -6.32
N ALA B 171 -21.71 8.37 -6.27
CA ALA B 171 -22.30 9.67 -5.85
C ALA B 171 -22.24 9.82 -4.33
N LEU B 172 -22.08 8.75 -3.57
CA LEU B 172 -22.01 8.88 -2.10
C LEU B 172 -20.60 8.46 -1.65
N THR B 173 -19.84 9.39 -1.09
CA THR B 173 -18.47 9.12 -0.57
C THR B 173 -18.36 9.60 0.88
N SER B 174 -19.11 10.62 1.27
CA SER B 174 -19.02 11.17 2.65
C SER B 174 -19.55 10.15 3.67
N GLY B 175 -18.79 9.82 4.71
CA GLY B 175 -19.23 8.90 5.76
C GLY B 175 -19.07 7.43 5.37
N VAL B 176 -18.47 7.14 4.22
CA VAL B 176 -18.29 5.74 3.74
C VAL B 176 -17.00 5.17 4.35
N HIS B 177 -17.07 3.98 4.93
CA HIS B 177 -15.91 3.20 5.42
C HIS B 177 -15.99 1.82 4.79
N THR B 178 -15.09 1.52 3.87
CA THR B 178 -14.94 0.15 3.33
C THR B 178 -13.77 -0.50 4.06
N PHE B 179 -14.02 -1.58 4.76
CA PHE B 179 -13.02 -2.21 5.65
C PHE B 179 -12.15 -3.18 4.85
N PRO B 180 -10.91 -3.39 5.32
CA PRO B 180 -10.05 -4.47 4.82
C PRO B 180 -10.81 -5.78 4.98
N ALA B 181 -10.67 -6.67 4.00
CA ALA B 181 -11.26 -8.03 4.05
C ALA B 181 -10.59 -8.82 5.14
N VAL B 182 -11.32 -9.78 5.68
CA VAL B 182 -10.76 -10.80 6.57
C VAL B 182 -10.78 -12.13 5.79
N LEU B 183 -9.81 -12.98 6.07
CA LEU B 183 -9.70 -14.33 5.46
C LEU B 183 -10.27 -15.30 6.47
N GLN B 184 -11.34 -16.01 6.10
CA GLN B 184 -12.05 -16.94 7.03
C GLN B 184 -11.33 -18.30 7.01
N SER B 185 -11.62 -19.18 7.96
CA SER B 185 -10.95 -20.50 8.07
C SER B 185 -11.35 -21.36 6.86
N SER B 186 -12.46 -21.03 6.20
CA SER B 186 -12.91 -21.62 4.91
C SER B 186 -11.94 -21.30 3.75
N GLY B 187 -11.02 -20.35 3.91
CA GLY B 187 -10.18 -19.84 2.81
C GLY B 187 -10.92 -18.83 1.94
N LEU B 188 -12.12 -18.39 2.34
CA LEU B 188 -12.89 -17.35 1.62
C LEU B 188 -12.78 -16.02 2.39
N TYR B 189 -12.88 -14.95 1.64
CA TYR B 189 -12.78 -13.58 2.22
C TYR B 189 -14.19 -13.07 2.53
N SER B 190 -14.23 -12.08 3.43
N SER B 190 -14.27 -12.15 3.51
CA SER B 190 -15.46 -11.36 3.82
CA SER B 190 -15.48 -11.36 3.79
C SER B 190 -15.09 -9.92 4.09
C SER B 190 -15.07 -9.92 4.05
N LEU B 191 -15.86 -8.97 3.56
CA LEU B 191 -15.62 -7.56 3.91
C LEU B 191 -16.94 -6.87 4.18
N SER B 192 -16.86 -5.76 4.91
N SER B 192 -16.85 -5.76 4.93
CA SER B 192 -18.03 -4.88 5.11
CA SER B 192 -17.96 -4.83 5.25
C SER B 192 -17.71 -3.49 4.58
C SER B 192 -17.69 -3.49 4.57
N SER B 193 -18.75 -2.81 4.14
CA SER B 193 -18.71 -1.40 3.73
C SER B 193 -19.89 -0.74 4.42
N VAL B 194 -19.66 0.38 5.09
CA VAL B 194 -20.73 1.03 5.87
C VAL B 194 -20.76 2.49 5.44
N VAL B 195 -21.89 3.13 5.72
CA VAL B 195 -21.95 4.60 5.57
C VAL B 195 -22.81 5.15 6.71
N THR B 196 -22.35 6.23 7.30
CA THR B 196 -23.06 6.94 8.37
C THR B 196 -23.78 8.08 7.67
N VAL B 197 -25.02 8.28 8.06
CA VAL B 197 -25.92 9.21 7.38
C VAL B 197 -26.77 9.89 8.47
N PRO B 198 -27.39 11.05 8.16
CA PRO B 198 -28.39 11.62 9.06
C PRO B 198 -29.51 10.58 9.24
N SER B 199 -29.88 10.33 10.49
CA SER B 199 -30.91 9.34 10.86
C SER B 199 -32.13 9.50 9.95
N SER B 200 -32.57 10.73 9.72
CA SER B 200 -33.85 10.95 9.01
C SER B 200 -33.72 10.60 7.52
N SER B 201 -32.49 10.57 6.97
N SER B 201 -32.51 10.57 6.95
CA SER B 201 -32.19 10.15 5.57
CA SER B 201 -32.31 10.17 5.52
C SER B 201 -32.67 8.71 5.31
C SER B 201 -32.68 8.70 5.29
N LEU B 202 -32.81 7.91 6.35
CA LEU B 202 -33.30 6.49 6.23
C LEU B 202 -34.69 6.45 5.58
N GLY B 203 -35.51 7.47 5.74
CA GLY B 203 -36.86 7.56 5.17
C GLY B 203 -36.87 8.15 3.77
N THR B 204 -35.83 8.90 3.42
CA THR B 204 -35.88 9.84 2.27
C THR B 204 -34.87 9.49 1.17
N GLN B 205 -33.76 8.82 1.48
N GLN B 205 -33.78 8.79 1.50
CA GLN B 205 -32.69 8.58 0.48
CA GLN B 205 -32.66 8.56 0.55
C GLN B 205 -32.54 7.07 0.24
C GLN B 205 -32.55 7.06 0.25
N THR B 206 -32.24 6.72 -0.99
CA THR B 206 -31.92 5.36 -1.43
C THR B 206 -30.42 5.14 -1.27
N TYR B 207 -30.07 4.03 -0.67
CA TYR B 207 -28.65 3.61 -0.50
C TYR B 207 -28.43 2.25 -1.16
N ILE B 208 -27.59 2.24 -2.17
CA ILE B 208 -27.27 1.01 -2.93
C ILE B 208 -25.77 0.82 -2.87
N CYS B 209 -25.31 -0.35 -2.43
CA CYS B 209 -23.87 -0.67 -2.54
C CYS B 209 -23.64 -1.44 -3.84
N ASN B 210 -22.64 -1.00 -4.60
CA ASN B 210 -22.29 -1.57 -5.93
C ASN B 210 -21.03 -2.38 -5.72
N VAL B 211 -21.12 -3.69 -5.85
CA VAL B 211 -20.01 -4.61 -5.51
C VAL B 211 -19.58 -5.22 -6.84
N ASN B 212 -18.29 -5.19 -7.13
CA ASN B 212 -17.72 -5.87 -8.32
C ASN B 212 -16.58 -6.83 -7.89
N HIS B 213 -16.71 -8.09 -8.26
CA HIS B 213 -15.69 -9.15 -8.05
C HIS B 213 -15.27 -9.62 -9.45
N LYS B 214 -14.33 -8.88 -10.06
CA LYS B 214 -13.90 -9.16 -11.46
C LYS B 214 -13.48 -10.63 -11.58
N PRO B 215 -12.69 -11.18 -10.63
CA PRO B 215 -12.20 -12.55 -10.79
C PRO B 215 -13.29 -13.59 -11.05
N SER B 216 -14.53 -13.41 -10.56
CA SER B 216 -15.67 -14.32 -10.83
C SER B 216 -16.66 -13.67 -11.80
N ASN B 217 -16.34 -12.51 -12.37
CA ASN B 217 -17.26 -11.73 -13.24
C ASN B 217 -18.58 -11.59 -12.51
N THR B 218 -18.56 -11.22 -11.23
CA THR B 218 -19.77 -11.04 -10.38
C THR B 218 -19.90 -9.55 -10.08
N LYS B 219 -21.00 -8.96 -10.54
CA LYS B 219 -21.40 -7.57 -10.22
C LYS B 219 -22.77 -7.65 -9.52
N VAL B 220 -22.87 -7.01 -8.35
CA VAL B 220 -24.10 -7.00 -7.53
C VAL B 220 -24.40 -5.57 -7.12
N ASP B 221 -25.66 -5.14 -7.30
CA ASP B 221 -26.19 -3.88 -6.71
C ASP B 221 -27.13 -4.26 -5.57
N LYS B 222 -26.80 -3.86 -4.36
CA LYS B 222 -27.62 -4.23 -3.20
C LYS B 222 -28.24 -2.97 -2.62
N LYS B 223 -29.56 -2.85 -2.70
CA LYS B 223 -30.27 -1.78 -1.97
C LYS B 223 -30.43 -2.17 -0.52
N VAL B 224 -30.09 -1.24 0.36
CA VAL B 224 -30.17 -1.45 1.80
C VAL B 224 -31.32 -0.62 2.34
N GLU B 225 -32.37 -1.28 2.83
CA GLU B 225 -33.58 -0.60 3.34
C GLU B 225 -33.56 -0.71 4.86
N PRO B 226 -34.02 0.35 5.54
CA PRO B 226 -34.23 0.29 6.99
C PRO B 226 -35.32 -0.74 7.28
N LYS B 227 -35.20 -1.52 8.36
CA LYS B 227 -36.26 -2.46 8.82
C LYS B 227 -36.93 -1.88 10.07
N ILE C 1 17.81 22.19 -30.82
CA ILE C 1 19.27 21.95 -30.60
C ILE C 1 19.41 20.44 -30.39
N ARG C 2 20.59 19.88 -30.70
CA ARG C 2 20.94 18.47 -30.40
C ARG C 2 21.90 18.48 -29.21
N CYS C 3 21.63 17.64 -28.22
CA CYS C 3 22.43 17.61 -26.98
C CYS C 3 22.62 16.15 -26.58
N PHE C 4 23.66 15.91 -25.80
CA PHE C 4 23.81 14.63 -25.07
C PHE C 4 22.88 14.71 -23.86
N ILE C 5 22.20 13.61 -23.59
CA ILE C 5 21.23 13.52 -22.47
C ILE C 5 21.56 12.29 -21.61
N THR C 6 21.76 12.47 -20.30
CA THR C 6 21.80 11.36 -19.34
C THR C 6 20.37 10.88 -19.09
N PRO C 7 20.13 9.58 -18.77
CA PRO C 7 21.18 8.59 -18.53
C PRO C 7 21.80 7.85 -19.73
N ASP C 8 21.25 8.03 -20.92
CA ASP C 8 21.68 7.28 -22.13
C ASP C 8 23.04 7.77 -22.62
N VAL C 9 23.36 9.06 -22.42
CA VAL C 9 24.53 9.75 -23.00
C VAL C 9 24.51 9.52 -24.52
N THR C 10 23.36 9.77 -25.13
CA THR C 10 23.20 9.77 -26.61
C THR C 10 22.82 11.18 -27.05
N SER C 11 23.14 11.48 -28.30
CA SER C 11 22.76 12.77 -28.96
C SER C 11 21.27 12.68 -29.27
N GLN C 12 20.49 13.64 -28.77
CA GLN C 12 19.03 13.65 -28.93
C GLN C 12 18.57 15.04 -29.43
N ALA C 13 17.59 15.06 -30.31
CA ALA C 13 16.93 16.27 -30.84
C ALA C 13 16.13 16.97 -29.72
N CYS C 14 16.44 18.24 -29.40
CA CYS C 14 15.62 19.09 -28.49
C CYS C 14 15.06 20.27 -29.29
N PRO C 15 13.96 20.06 -30.03
CA PRO C 15 13.48 21.07 -30.98
C PRO C 15 13.11 22.41 -30.34
N ASP C 16 12.78 22.42 -29.05
CA ASP C 16 12.37 23.60 -28.27
C ASP C 16 13.51 24.08 -27.36
N GLY C 17 14.65 23.39 -27.31
CA GLY C 17 15.79 23.81 -26.48
C GLY C 17 16.68 24.76 -27.25
N HIS C 18 17.49 25.54 -26.54
CA HIS C 18 18.49 26.46 -27.16
C HIS C 18 19.86 26.27 -26.50
N VAL C 19 19.94 25.56 -25.37
CA VAL C 19 21.26 25.25 -24.78
C VAL C 19 21.33 23.76 -24.43
N CYS C 20 22.56 23.27 -24.45
CA CYS C 20 23.00 21.99 -23.83
C CYS C 20 23.63 22.33 -22.51
N TYR C 21 23.53 21.45 -21.51
CA TYR C 21 24.26 21.73 -20.27
C TYR C 21 24.88 20.44 -19.73
N THR C 22 25.85 20.70 -18.87
CA THR C 22 26.56 19.74 -18.02
C THR C 22 26.38 20.24 -16.60
N LYS C 23 25.75 19.44 -15.76
CA LYS C 23 25.52 19.76 -14.35
C LYS C 23 26.25 18.73 -13.49
N MET C 24 26.98 19.21 -12.50
CA MET C 24 27.81 18.38 -11.59
C MET C 24 27.63 18.81 -10.14
N TRP C 25 27.58 17.85 -9.20
CA TRP C 25 27.35 18.11 -7.77
C TRP C 25 27.75 16.88 -6.98
N CYS C 26 28.03 17.10 -5.70
CA CYS C 26 28.38 16.05 -4.75
C CYS C 26 27.08 15.51 -4.15
N ASP C 27 26.81 14.22 -4.34
CA ASP C 27 25.88 13.47 -3.47
C ASP C 27 26.71 12.80 -2.35
N ASN C 28 26.11 11.93 -1.54
CA ASN C 28 26.80 11.42 -0.35
C ASN C 28 27.76 10.29 -0.75
N PHE C 29 27.88 9.97 -2.04
CA PHE C 29 28.90 9.01 -2.53
C PHE C 29 30.11 9.75 -3.09
N CYS C 30 30.15 11.08 -2.94
CA CYS C 30 31.12 11.95 -3.69
C CYS C 30 32.56 11.51 -3.33
N GLY C 31 32.78 11.20 -2.05
CA GLY C 31 34.07 10.71 -1.52
C GLY C 31 34.53 9.44 -2.21
N MET C 32 33.59 8.55 -2.56
CA MET C 32 33.87 7.24 -3.21
C MET C 32 33.85 7.38 -4.74
N ARG C 33 33.01 8.22 -5.35
CA ARG C 33 32.70 8.11 -6.81
C ARG C 33 33.02 9.39 -7.58
N GLY C 34 33.39 10.46 -6.89
CA GLY C 34 33.41 11.78 -7.52
C GLY C 34 32.01 12.35 -7.70
N LYS C 35 31.90 13.46 -8.40
CA LYS C 35 30.62 14.20 -8.55
C LYS C 35 29.67 13.45 -9.47
N ARG C 36 28.38 13.58 -9.17
CA ARG C 36 27.30 13.21 -10.10
C ARG C 36 27.43 14.10 -11.35
N VAL C 37 27.07 13.55 -12.49
CA VAL C 37 27.05 14.28 -13.78
C VAL C 37 25.68 14.06 -14.42
N ASP C 38 25.03 15.17 -14.81
N ASP C 38 25.03 15.16 -14.80
CA ASP C 38 23.74 15.24 -15.57
CA ASP C 38 23.77 15.16 -15.59
C ASP C 38 24.05 16.01 -16.84
C ASP C 38 24.05 15.99 -16.83
N LEU C 39 23.66 15.47 -17.99
CA LEU C 39 23.75 16.12 -19.31
C LEU C 39 22.31 16.34 -19.79
N GLY C 40 21.98 17.53 -20.22
CA GLY C 40 20.64 17.70 -20.80
C GLY C 40 20.57 18.87 -21.76
N CYS C 41 19.37 19.13 -22.26
CA CYS C 41 19.05 20.38 -23.01
C CYS C 41 18.00 21.15 -22.22
N ALA C 42 17.94 22.46 -22.45
CA ALA C 42 16.96 23.37 -21.82
C ALA C 42 16.65 24.48 -22.82
N ALA C 43 15.58 25.22 -22.57
CA ALA C 43 15.20 26.44 -23.32
C ALA C 43 16.22 27.53 -23.00
N THR C 44 16.68 27.60 -21.76
CA THR C 44 17.65 28.59 -21.26
C THR C 44 18.57 27.95 -20.21
N CYS C 45 19.72 28.56 -19.93
CA CYS C 45 20.68 27.98 -18.98
C CYS C 45 20.00 27.78 -17.63
N PRO C 46 19.79 26.53 -17.17
CA PRO C 46 19.11 26.32 -15.90
C PRO C 46 19.81 27.03 -14.73
N LYS C 47 19.02 27.54 -13.77
CA LYS C 47 19.50 28.09 -12.48
C LYS C 47 19.74 26.91 -11.55
N VAL C 48 20.76 26.95 -10.70
CA VAL C 48 21.11 25.79 -9.81
C VAL C 48 21.46 26.28 -8.39
N LYS C 49 21.40 25.37 -7.42
CA LYS C 49 21.75 25.61 -5.98
C LYS C 49 23.24 25.91 -5.84
N PRO C 50 23.64 26.66 -4.80
CA PRO C 50 25.06 27.05 -4.63
C PRO C 50 26.11 25.97 -4.90
N GLY C 51 26.00 24.75 -4.34
CA GLY C 51 27.04 23.70 -4.48
C GLY C 51 26.92 22.88 -5.76
N VAL C 52 26.17 23.38 -6.74
CA VAL C 52 25.96 22.67 -8.02
C VAL C 52 26.70 23.46 -9.09
N ASN C 53 27.48 22.80 -9.94
CA ASN C 53 28.18 23.44 -11.07
C ASN C 53 27.35 23.24 -12.32
N ILE C 54 27.12 24.28 -13.11
CA ILE C 54 26.43 24.08 -14.41
C ILE C 54 27.19 24.89 -15.45
N LYS C 55 27.38 24.27 -16.59
CA LYS C 55 28.02 24.89 -17.76
C LYS C 55 27.07 24.69 -18.91
N CYS C 56 26.69 25.79 -19.54
CA CYS C 56 25.77 25.80 -20.69
C CYS C 56 26.56 26.16 -21.95
N CYS C 57 26.05 25.69 -23.06
CA CYS C 57 26.72 25.87 -24.34
C CYS C 57 25.63 25.85 -25.41
N SER C 58 25.82 26.43 -26.60
CA SER C 58 24.68 26.65 -27.54
C SER C 58 24.92 26.02 -28.92
N ARG C 59 25.85 25.06 -29.06
CA ARG C 59 26.15 24.35 -30.33
C ARG C 59 25.71 22.88 -30.20
N ASP C 60 25.34 22.24 -31.30
CA ASP C 60 24.90 20.83 -31.31
C ASP C 60 25.99 19.97 -30.63
N ASN C 61 25.58 19.14 -29.67
CA ASN C 61 26.45 18.10 -29.07
C ASN C 61 27.65 18.75 -28.41
N CYS C 62 27.47 19.92 -27.82
CA CYS C 62 28.57 20.65 -27.17
C CYS C 62 28.74 20.22 -25.72
N ASN C 63 27.99 19.21 -25.23
CA ASN C 63 28.01 18.80 -23.80
C ASN C 63 28.26 17.30 -23.69
N PRO C 64 29.33 16.79 -24.31
CA PRO C 64 29.67 15.36 -24.22
C PRO C 64 30.02 15.01 -22.78
N PHE C 65 30.08 13.72 -22.43
CA PHE C 65 30.42 13.32 -21.06
C PHE C 65 31.85 13.80 -20.77
N PRO C 66 32.10 14.45 -19.63
CA PRO C 66 33.38 15.10 -19.39
C PRO C 66 34.42 14.06 -18.91
N THR C 67 35.15 13.44 -19.83
CA THR C 67 36.03 12.28 -19.52
C THR C 67 37.43 12.78 -19.14
N ARG C 68 37.92 13.89 -19.72
CA ARG C 68 39.31 14.40 -19.47
C ARG C 68 39.22 15.49 -18.40
C1 GOL D . 7.26 13.38 -0.14
O1 GOL D . 6.46 12.37 -0.77
C2 GOL D . 6.44 14.62 0.26
O2 GOL D . 6.05 15.47 -0.83
C3 GOL D . 5.18 14.28 0.96
O3 GOL D . 5.42 13.31 1.95
C1 GOL E . 10.31 -6.58 5.16
O1 GOL E . 9.80 -5.25 4.98
C2 GOL E . 10.50 -6.80 6.63
O2 GOL E . 9.73 -7.86 7.20
C3 GOL E . 11.94 -6.98 6.97
O3 GOL E . 12.32 -5.92 7.83
C1 GOL F . 28.90 2.58 12.37
O1 GOL F . 27.51 2.45 12.69
C2 GOL F . 29.66 1.31 12.68
O2 GOL F . 28.72 0.26 12.84
C3 GOL F . 30.67 0.94 11.62
O3 GOL F . 31.92 1.58 11.89
C1 GOL G . -32.64 -10.26 3.17
O1 GOL G . -31.90 -9.98 1.99
C2 GOL G . -33.53 -9.10 3.52
O2 GOL G . -34.87 -9.49 3.26
C3 GOL G . -33.38 -8.61 4.96
O3 GOL G . -33.87 -9.54 5.91
C1 GOL H . -20.51 -21.05 10.56
O1 GOL H . -21.24 -21.37 9.39
C2 GOL H . -21.16 -21.64 11.79
O2 GOL H . -21.51 -23.00 11.55
C3 GOL H . -20.32 -21.55 13.04
O3 GOL H . -18.98 -21.15 12.76
C1 GOL I . 15.84 -19.85 -12.72
O1 GOL I . 15.12 -20.68 -13.64
C2 GOL I . 15.86 -20.44 -11.34
O2 GOL I . 14.53 -20.69 -10.84
C3 GOL I . 16.64 -19.55 -10.41
O3 GOL I . 16.84 -20.16 -9.13
C1 GOL J . -14.34 -6.47 7.70
O1 GOL J . -14.37 -6.12 6.33
C2 GOL J . -15.39 -7.46 8.12
O2 GOL J . -15.27 -8.69 7.39
C3 GOL J . -15.34 -7.74 9.61
O3 GOL J . -16.56 -7.29 10.20
C1 GOL K . 33.37 1.87 -12.27
O1 GOL K . 33.91 1.45 -13.53
C2 GOL K . 31.87 2.00 -12.35
O2 GOL K . 31.28 1.04 -11.49
C3 GOL K . 31.35 1.78 -13.75
O3 GOL K . 31.56 2.90 -14.55
C1 GOL L . 18.01 6.96 -13.75
O1 GOL L . 17.99 6.31 -12.47
C2 GOL L . 18.28 8.46 -13.68
O2 GOL L . 18.20 8.99 -15.00
C3 GOL L . 17.30 9.23 -12.83
O3 GOL L . 17.82 10.50 -12.46
C1 GOL M . -6.27 -12.56 -7.38
O1 GOL M . -4.92 -12.80 -6.99
C2 GOL M . -6.47 -11.31 -8.20
O2 GOL M . -5.35 -11.10 -9.07
C3 GOL M . -7.70 -11.34 -9.07
O3 GOL M . -7.44 -12.03 -10.29
C ACT N . 20.56 18.63 -7.88
O ACT N . 19.90 17.62 -7.57
OXT ACT N . 20.77 18.99 -9.06
CH3 ACT N . 21.16 19.46 -6.74
#